data_6EO9
#
_entry.id   6EO9
#
_cell.length_a   67.460
_cell.length_b   71.640
_cell.length_c   71.800
_cell.angle_alpha   90.00
_cell.angle_beta   100.21
_cell.angle_gamma   90.00
#
_symmetry.space_group_name_H-M   'C 1 2 1'
#
loop_
_entity.id
_entity.type
_entity.pdbx_description
1 polymer Prothrombin
2 polymer Prothrombin
3 polymer 'Hirudin variant-2'
4 non-polymer 'DIMETHYL SULFOXIDE'
5 non-polymer N-(2-{[5-(5-chlorothiophen-2-yl)-1,2-oxazol-3-yl]methoxy}-6-{3-[(2,3,4,6-tetra-O-acetyl-beta-D-glucopyranosyl)oxy]propoxy}phenyl)-1-(propan-2-yl)piperidine-4-carboxamide
6 water water
#
loop_
_entity_poly.entity_id
_entity_poly.type
_entity_poly.pdbx_seq_one_letter_code
_entity_poly.pdbx_strand_id
1 'polypeptide(L)'
;IVEGSDAEIGMSPWQVMLFRKSPQELLCGASLISDRWVLTAAHCLLYPPWDKNFTENDLLVRIGKHSRTRYERNIEKISM
LEKIYIHPRYNWRENLDRDIALMKLKKPVAFSDYIHPVCLPDRETAASLLQAGYKGRVTGWGNLKETWTANVGKGQPSVL
QVVNLPIVERPVCKDSTRIRITDNMFCAGYKPDEGKRGDACEGDSGGPFVMKSPFNNRWYQMGIVSWGEGCDRDGKYGFY
THVFRLKKWIQKVIDQFGE
;
H
2 'polypeptide(L)' TFGSGEADCGLRPLFEKKSLEDKTERELLESYIDGR L
3 'polypeptide(L)' NGDFEEIPEE(TYS)L I
#
loop_
_chem_comp.id
_chem_comp.type
_chem_comp.name
_chem_comp.formula
2OJ non-polymer N-(2-{[5-(5-chlorothiophen-2-yl)-1,2-oxazol-3-yl]methoxy}-6-{3-[(2,3,4,6-tetra-O-acetyl-beta-D-glucopyranosyl)oxy]propoxy}phenyl)-1-(propan-2-yl)piperidine-4-carboxamide 'C40 H50 Cl N3 O14 S'
DMS non-polymer 'DIMETHYL SULFOXIDE' 'C2 H6 O S'
#
# COMPACT_ATOMS: atom_id res chain seq x y z
N ILE A 1 -1.10 2.50 -10.94
CA ILE A 1 0.11 3.29 -10.95
C ILE A 1 0.42 3.93 -12.31
N VAL A 2 0.80 5.22 -12.32
CA VAL A 2 1.12 5.99 -13.52
C VAL A 2 2.61 6.23 -13.65
N GLU A 3 3.17 5.93 -14.83
CA GLU A 3 4.60 6.03 -15.10
C GLU A 3 5.46 5.17 -14.14
N GLY A 4 4.92 4.03 -13.73
CA GLY A 4 5.69 3.04 -13.01
C GLY A 4 6.33 2.03 -13.97
N SER A 5 6.92 1.01 -13.39
CA SER A 5 7.55 -0.10 -14.11
C SER A 5 6.89 -1.38 -13.65
N ASP A 6 7.09 -2.44 -14.42
CA ASP A 6 6.61 -3.76 -13.99
C ASP A 6 7.46 -4.18 -12.80
N ALA A 7 6.82 -4.71 -11.78
CA ALA A 7 7.58 -5.18 -10.61
C ALA A 7 8.43 -6.44 -11.01
N GLU A 8 9.57 -6.62 -10.33
CA GLU A 8 10.24 -7.91 -10.34
C GLU A 8 9.47 -8.91 -9.53
N ILE A 9 9.61 -10.20 -9.86
CA ILE A 9 9.00 -11.22 -9.04
C ILE A 9 9.53 -11.08 -7.59
N GLY A 10 8.61 -11.22 -6.62
CA GLY A 10 8.95 -11.21 -5.20
C GLY A 10 9.44 -9.85 -4.69
N MET A 11 9.30 -8.79 -5.47
CA MET A 11 9.81 -7.47 -5.05
C MET A 11 9.01 -6.79 -3.94
N SER A 12 7.72 -7.13 -3.85
CA SER A 12 6.83 -6.58 -2.84
CA SER A 12 6.83 -6.58 -2.82
C SER A 12 6.02 -7.70 -2.24
N PRO A 13 6.68 -8.59 -1.47
CA PRO A 13 5.97 -9.82 -1.07
C PRO A 13 4.96 -9.61 0.03
N TRP A 14 4.87 -8.38 0.56
CA TRP A 14 3.79 -8.00 1.44
C TRP A 14 2.57 -7.42 0.69
N GLN A 15 2.63 -7.25 -0.63
CA GLN A 15 1.54 -6.60 -1.36
C GLN A 15 0.36 -7.55 -1.31
N VAL A 16 -0.80 -6.97 -1.08
CA VAL A 16 -2.04 -7.76 -0.98
C VAL A 16 -3.02 -7.11 -1.91
N MET A 17 -3.77 -7.90 -2.67
CA MET A 17 -4.88 -7.38 -3.50
C MET A 17 -6.17 -7.59 -2.72
N LEU A 18 -7.02 -6.56 -2.66
CA LEU A 18 -8.36 -6.72 -2.06
C LEU A 18 -9.25 -6.99 -3.19
N PHE A 19 -10.01 -8.08 -3.06
CA PHE A 19 -10.69 -8.58 -4.23
C PHE A 19 -12.17 -8.83 -3.90
N ARG A 20 -13.05 -8.26 -4.74
CA ARG A 20 -14.53 -8.38 -4.58
C ARG A 20 -14.95 -9.73 -5.15
N LYS A 21 -15.80 -10.42 -4.42
CA LYS A 21 -16.44 -11.66 -4.93
C LYS A 21 -17.31 -11.50 -6.20
N SER A 22 -18.38 -10.70 -6.14
CA SER A 22 -19.30 -10.54 -7.29
C SER A 22 -19.69 -9.10 -7.47
N PRO A 23 -19.41 -8.51 -8.64
CA PRO A 23 -18.53 -9.05 -9.68
C PRO A 23 -17.08 -9.30 -9.15
N GLN A 24 -16.43 -10.38 -9.61
CA GLN A 24 -15.05 -10.74 -9.20
C GLN A 24 -14.11 -9.68 -9.72
N GLU A 25 -13.61 -8.84 -8.80
CA GLU A 25 -13.13 -7.50 -9.17
C GLU A 25 -11.98 -6.97 -8.26
N LEU A 26 -10.97 -6.30 -8.83
CA LEU A 26 -9.98 -5.54 -8.01
C LEU A 26 -10.68 -4.35 -7.37
N LEU A 27 -10.58 -4.25 -6.04
CA LEU A 27 -11.08 -3.12 -5.24
C LEU A 27 -10.01 -2.16 -4.75
N CYS A 28 -8.88 -2.69 -4.26
CA CYS A 28 -7.88 -1.85 -3.55
C CYS A 28 -6.57 -2.64 -3.34
N GLY A 29 -5.49 -1.94 -3.00
CA GLY A 29 -4.30 -2.59 -2.45
C GLY A 29 -4.42 -2.75 -0.95
N ALA A 30 -3.43 -3.44 -0.41
CA ALA A 30 -3.30 -3.66 0.96
C ALA A 30 -1.88 -4.27 1.23
N SER A 31 -1.60 -4.55 2.48
CA SER A 31 -0.32 -5.08 2.91
C SER A 31 -0.39 -6.05 4.04
N LEU A 32 0.49 -7.05 3.95
CA LEU A 32 0.62 -8.04 4.96
C LEU A 32 1.63 -7.59 6.03
N ILE A 33 1.19 -7.53 7.28
CA ILE A 33 2.05 -7.12 8.38
C ILE A 33 2.36 -8.24 9.42
N SER A 34 1.69 -9.38 9.28
CA SER A 34 2.03 -10.63 10.02
C SER A 34 1.25 -11.77 9.34
N ASP A 35 1.22 -12.97 9.96
CA ASP A 35 0.66 -14.13 9.33
C ASP A 35 -0.85 -14.08 9.30
N ARG A 36 -1.47 -13.22 10.12
CA ARG A 36 -2.95 -13.15 10.14
C ARG A 36 -3.58 -11.71 10.06
N TRP A 37 -2.77 -10.68 9.78
CA TRP A 37 -3.22 -9.31 9.77
C TRP A 37 -2.79 -8.61 8.47
N VAL A 38 -3.74 -7.90 7.87
CA VAL A 38 -3.58 -7.11 6.67
C VAL A 38 -3.98 -5.65 6.92
N LEU A 39 -3.15 -4.72 6.45
CA LEU A 39 -3.37 -3.31 6.62
C LEU A 39 -3.87 -2.72 5.33
N THR A 40 -4.89 -1.82 5.40
CA THR A 40 -5.33 -1.13 4.21
C THR A 40 -5.88 0.27 4.58
N ALA A 41 -6.40 0.96 3.61
CA ALA A 41 -7.05 2.27 3.85
C ALA A 41 -8.50 2.00 4.22
N ALA A 42 -8.97 2.66 5.26
CA ALA A 42 -10.40 2.72 5.60
C ALA A 42 -11.31 2.91 4.39
N HIS A 43 -11.01 3.82 3.45
CA HIS A 43 -11.90 4.15 2.35
C HIS A 43 -12.06 3.01 1.33
N CYS A 44 -11.17 2.00 1.36
CA CYS A 44 -11.34 0.76 0.58
C CYS A 44 -12.50 -0.06 1.07
N LEU A 45 -12.85 0.11 2.34
CA LEU A 45 -13.90 -0.64 3.00
C LEU A 45 -15.19 0.14 3.28
N LEU A 46 -15.07 1.40 3.68
CA LEU A 46 -16.19 2.32 3.96
C LEU A 46 -15.96 3.65 3.26
N TYR A 47 -16.76 3.94 2.25
CA TYR A 47 -16.74 5.21 1.58
C TYR A 47 -18.18 5.57 1.09
N PRO A 48 -19.01 6.03 2.04
CA PRO A 48 -20.41 6.47 1.74
C PRO A 48 -20.64 7.23 0.46
N PRO A 49 -19.77 8.17 0.05
CA PRO A 49 -20.06 8.81 -1.21
C PRO A 49 -20.11 7.94 -2.43
N TRP A 50 -19.42 6.79 -2.43
CA TRP A 50 -19.41 5.89 -3.59
C TRP A 50 -20.47 4.80 -3.38
N ASP A 51 -21.15 4.79 -2.23
CA ASP A 51 -22.01 3.68 -1.77
C ASP A 51 -21.25 2.45 -1.32
N LYS A 52 -19.99 2.64 -1.00
CA LYS A 52 -19.15 1.55 -0.58
C LYS A 52 -19.26 1.39 0.93
N ASN A 53 -19.68 0.21 1.36
CA ASN A 53 -19.66 -0.17 2.75
C ASN A 53 -19.55 -1.69 2.78
N PHE A 54 -18.32 -2.21 2.66
CA PHE A 54 -18.16 -3.66 2.56
C PHE A 54 -18.24 -4.39 3.89
N THR A 55 -18.88 -5.56 3.87
CA THR A 55 -18.81 -6.54 4.92
C THR A 55 -17.71 -7.61 4.55
N GLU A 56 -17.28 -8.34 5.56
CA GLU A 56 -16.29 -9.43 5.48
C GLU A 56 -16.48 -10.35 4.29
N ASN A 57 -17.70 -10.87 4.18
CA ASN A 57 -17.97 -11.94 3.28
C ASN A 57 -18.12 -11.41 1.87
N ASP A 58 -18.08 -10.08 1.66
CA ASP A 58 -18.05 -9.51 0.30
C ASP A 58 -16.68 -9.59 -0.38
N LEU A 59 -15.65 -9.87 0.39
CA LEU A 59 -14.27 -9.58 0.01
C LEU A 59 -13.38 -10.77 0.21
N LEU A 60 -12.36 -10.86 -0.62
CA LEU A 60 -11.24 -11.77 -0.34
C LEU A 60 -9.94 -10.98 -0.25
N VAL A 61 -8.92 -11.48 0.49
CA VAL A 61 -7.52 -11.12 0.18
C VAL A 61 -6.69 -12.14 -0.64
N ARG A 62 -5.94 -11.64 -1.62
CA ARG A 62 -5.04 -12.47 -2.42
C ARG A 62 -3.63 -11.93 -2.19
N ILE A 63 -2.77 -12.83 -1.73
CA ILE A 63 -1.45 -12.54 -1.23
C ILE A 63 -0.48 -13.35 -2.11
N GLY A 64 0.67 -12.76 -2.34
CA GLY A 64 1.72 -13.39 -3.14
C GLY A 64 1.53 -13.19 -4.64
N LYS A 65 0.73 -12.21 -5.07
CA LYS A 65 0.40 -12.13 -6.52
C LYS A 65 1.39 -11.29 -7.27
N HIS A 66 1.42 -11.49 -8.59
CA HIS A 66 2.13 -10.69 -9.50
C HIS A 66 1.22 -10.24 -10.64
N SER A 67 0.63 -11.21 -11.37
CA SER A 67 -0.39 -10.92 -12.39
C SER A 67 -1.60 -10.22 -11.77
N ARG A 68 -2.04 -9.09 -12.34
CA ARG A 68 -3.37 -8.50 -11.93
C ARG A 68 -4.51 -9.51 -12.12
N THR A 69 -4.67 -10.05 -13.35
CA THR A 69 -5.89 -10.81 -13.72
C THR A 69 -5.89 -12.30 -13.55
N ARG A 70 -4.73 -12.93 -13.73
CA ARG A 70 -4.62 -14.36 -13.71
C ARG A 70 -4.67 -14.91 -12.29
N TYR A 71 -5.20 -16.12 -12.19
CA TYR A 71 -5.15 -16.87 -10.96
C TYR A 71 -3.79 -17.58 -11.00
N GLU A 72 -2.93 -17.20 -10.07
CA GLU A 72 -1.57 -17.63 -10.03
C GLU A 72 -1.42 -18.88 -9.15
N ARG A 73 -1.84 -19.97 -9.75
CA ARG A 73 -1.88 -21.23 -9.10
C ARG A 73 -0.52 -21.64 -8.54
N ASN A 74 -0.54 -22.27 -7.36
CA ASN A 74 0.62 -22.67 -6.54
C ASN A 74 1.53 -21.50 -6.06
N ILE A 75 1.09 -20.26 -6.22
CA ILE A 75 1.89 -19.08 -5.88
CA ILE A 75 1.89 -19.10 -5.86
C ILE A 75 1.06 -18.19 -4.95
N GLU A 76 -0.03 -17.66 -5.49
CA GLU A 76 -0.85 -16.79 -4.67
C GLU A 76 -1.59 -17.59 -3.65
N LYS A 77 -1.99 -16.92 -2.60
CA LYS A 77 -2.76 -17.49 -1.55
C LYS A 77 -4.02 -16.61 -1.34
N ILE A 78 -5.21 -17.22 -1.41
CA ILE A 78 -6.49 -16.49 -1.28
C ILE A 78 -7.02 -16.74 0.13
N SER A 79 -7.35 -15.65 0.84
CA SER A 79 -7.68 -15.71 2.26
C SER A 79 -9.01 -14.99 2.53
N MET A 80 -9.69 -15.45 3.56
CA MET A 80 -10.97 -14.88 3.88
C MET A 80 -10.84 -14.10 5.17
N LEU A 81 -11.67 -13.08 5.23
CA LEU A 81 -11.64 -12.19 6.36
C LEU A 81 -12.54 -12.68 7.48
N GLU A 82 -11.96 -12.85 8.64
CA GLU A 82 -12.70 -12.97 9.86
C GLU A 82 -13.35 -11.65 10.33
N LYS A 83 -12.54 -10.58 10.47
CA LYS A 83 -13.05 -9.25 10.89
C LYS A 83 -12.33 -8.04 10.22
N ILE A 84 -13.13 -7.00 9.93
CA ILE A 84 -12.70 -5.68 9.46
C ILE A 84 -12.81 -4.71 10.61
N TYR A 85 -11.75 -3.93 10.87
CA TYR A 85 -11.73 -2.87 11.87
C TYR A 85 -11.32 -1.56 11.21
N ILE A 86 -12.09 -0.53 11.51
CA ILE A 86 -11.90 0.78 10.92
C ILE A 86 -11.52 1.68 12.06
N HIS A 87 -10.55 2.57 11.83
CA HIS A 87 -10.16 3.46 12.88
C HIS A 87 -11.49 4.16 13.31
N PRO A 88 -11.72 4.25 14.62
CA PRO A 88 -12.97 4.91 15.04
C PRO A 88 -13.02 6.42 14.68
N ARG A 89 -11.88 7.11 14.58
CA ARG A 89 -11.92 8.55 14.18
C ARG A 89 -11.62 8.75 12.70
N TYR A 90 -11.69 7.67 11.90
CA TYR A 90 -11.70 7.83 10.45
C TYR A 90 -12.77 8.86 9.98
N ASN A 91 -12.33 9.86 9.23
CA ASN A 91 -13.17 10.94 8.69
C ASN A 91 -13.36 10.83 7.21
N TRP A 92 -14.48 10.23 6.83
CA TRP A 92 -14.79 10.13 5.43
C TRP A 92 -15.59 11.31 4.92
N ARG A 93 -16.18 12.08 5.83
CA ARG A 93 -17.02 13.24 5.46
C ARG A 93 -16.21 14.39 4.91
N GLU A 94 -14.91 14.51 5.26
CA GLU A 94 -14.11 15.70 4.94
C GLU A 94 -12.80 15.52 4.19
N ASN A 95 -11.78 14.96 4.86
CA ASN A 95 -10.44 14.93 4.30
C ASN A 95 -9.80 13.53 4.34
N LEU A 96 -10.57 12.51 4.72
CA LEU A 96 -10.00 11.16 4.91
C LEU A 96 -8.95 11.08 6.03
N ASP A 97 -9.06 11.94 7.05
CA ASP A 97 -8.17 11.85 8.22
C ASP A 97 -8.37 10.46 8.84
N ARG A 98 -7.24 9.85 9.21
CA ARG A 98 -7.16 8.51 9.82
C ARG A 98 -7.70 7.45 8.87
N ASP A 99 -7.24 7.51 7.63
CA ASP A 99 -7.67 6.57 6.57
C ASP A 99 -6.88 5.24 6.73
N ILE A 100 -7.34 4.40 7.66
CA ILE A 100 -6.65 3.22 8.03
C ILE A 100 -7.63 2.15 8.54
N ALA A 101 -7.43 0.89 8.10
CA ALA A 101 -8.18 -0.21 8.66
C ALA A 101 -7.32 -1.45 8.73
N LEU A 102 -7.65 -2.31 9.70
CA LEU A 102 -7.04 -3.63 9.82
C LEU A 102 -8.04 -4.75 9.39
N MET A 103 -7.51 -5.84 8.83
CA MET A 103 -8.31 -6.99 8.49
C MET A 103 -7.63 -8.20 9.18
N LYS A 104 -8.45 -9.01 9.85
CA LYS A 104 -8.00 -10.19 10.57
C LYS A 104 -8.34 -11.32 9.67
N LEU A 105 -7.36 -12.13 9.33
CA LEU A 105 -7.57 -13.27 8.45
C LEU A 105 -8.17 -14.46 9.22
N LYS A 106 -9.11 -15.14 8.59
CA LYS A 106 -9.66 -16.42 9.11
C LYS A 106 -8.58 -17.37 9.63
N LYS A 107 -7.60 -17.69 8.78
CA LYS A 107 -6.44 -18.54 9.16
C LYS A 107 -5.14 -17.81 8.88
N PRO A 108 -4.11 -18.00 9.74
CA PRO A 108 -2.76 -17.54 9.48
C PRO A 108 -2.20 -18.16 8.23
N VAL A 109 -1.46 -17.37 7.47
CA VAL A 109 -0.95 -17.85 6.18
C VAL A 109 0.51 -18.27 6.37
N ALA A 110 0.93 -19.23 5.56
CA ALA A 110 2.31 -19.64 5.53
C ALA A 110 3.06 -18.63 4.66
N PHE A 111 4.20 -18.20 5.13
CA PHE A 111 5.10 -17.39 4.31
C PHE A 111 5.81 -18.21 3.24
N SER A 112 6.26 -17.53 2.21
CA SER A 112 6.91 -18.17 1.07
C SER A 112 7.87 -17.20 0.43
N ASP A 113 8.43 -17.56 -0.72
CA ASP A 113 9.25 -16.65 -1.46
C ASP A 113 8.47 -15.40 -1.94
N TYR A 114 7.18 -15.56 -2.12
CA TYR A 114 6.35 -14.49 -2.68
C TYR A 114 5.45 -13.84 -1.62
N ILE A 115 5.48 -14.36 -0.39
CA ILE A 115 4.58 -13.93 0.72
C ILE A 115 5.37 -13.70 1.97
N HIS A 116 5.49 -12.44 2.37
CA HIS A 116 6.30 -12.08 3.46
C HIS A 116 5.93 -10.70 4.02
N PRO A 117 5.89 -10.55 5.34
CA PRO A 117 5.36 -9.33 5.87
C PRO A 117 6.34 -8.18 5.84
N VAL A 118 5.77 -7.00 5.77
CA VAL A 118 6.55 -5.75 5.89
C VAL A 118 6.65 -5.31 7.35
N CYS A 119 7.70 -4.54 7.69
CA CYS A 119 7.82 -3.95 9.04
C CYS A 119 6.99 -2.71 9.20
N LEU A 120 6.54 -2.45 10.41
CA LEU A 120 5.93 -1.16 10.70
C LEU A 120 6.92 -0.30 11.45
N PRO A 121 6.96 1.00 11.19
CA PRO A 121 7.96 1.87 11.73
C PRO A 121 7.79 2.13 13.26
N ASP A 122 8.92 2.33 13.91
CA ASP A 122 9.02 2.78 15.26
C ASP A 122 9.29 4.27 15.17
N ARG A 123 9.17 4.97 16.30
CA ARG A 123 9.38 6.43 16.31
C ARG A 123 10.64 6.90 15.60
N GLU A 124 11.73 6.18 15.83
CA GLU A 124 13.05 6.62 15.40
C GLU A 124 13.17 6.39 13.90
N THR A 125 12.63 5.28 13.41
CA THR A 125 12.58 5.02 12.01
C THR A 125 11.76 6.11 11.27
N ALA A 126 10.59 6.39 11.75
CA ALA A 126 9.79 7.48 11.24
C ALA A 126 10.52 8.81 11.24
N ALA A 127 11.10 9.15 12.38
CA ALA A 127 11.75 10.45 12.48
C ALA A 127 12.92 10.51 11.55
N SER A 128 13.61 9.39 11.34
CA SER A 128 14.71 9.35 10.42
C SER A 128 14.35 9.40 8.91
N LEU A 129 13.39 8.63 8.48
CA LEU A 129 13.14 8.43 7.10
C LEU A 129 12.04 9.32 6.56
N LEU A 130 11.15 9.81 7.41
CA LEU A 130 10.00 10.53 6.86
C LEU A 130 10.34 11.99 6.69
N GLN A 131 11.21 12.25 5.71
CA GLN A 131 11.72 13.60 5.48
C GLN A 131 11.52 13.97 4.06
N ALA A 132 11.24 15.25 3.88
CA ALA A 132 11.00 15.77 2.53
C ALA A 132 12.25 15.54 1.70
N GLY A 133 12.07 15.11 0.44
CA GLY A 133 13.13 14.72 -0.48
C GLY A 133 13.52 13.23 -0.43
N TYR A 134 13.27 12.54 0.68
CA TYR A 134 13.52 11.10 0.74
C TYR A 134 12.44 10.33 -0.02
N LYS A 135 12.83 9.31 -0.74
CA LYS A 135 11.90 8.57 -1.55
C LYS A 135 11.41 7.31 -0.91
N GLY A 136 10.17 7.02 -1.18
CA GLY A 136 9.56 5.72 -0.90
C GLY A 136 9.07 5.08 -2.14
N ARG A 137 8.42 3.92 -2.01
CA ARG A 137 7.96 3.16 -3.18
C ARG A 137 6.54 2.78 -2.97
N VAL A 138 5.76 2.94 -4.05
CA VAL A 138 4.39 2.57 -4.02
C VAL A 138 4.18 1.46 -5.08
N THR A 139 3.36 0.46 -4.78
CA THR A 139 3.05 -0.61 -5.67
C THR A 139 1.56 -0.81 -5.73
N GLY A 140 1.09 -1.26 -6.90
CA GLY A 140 -0.24 -1.67 -7.00
C GLY A 140 -0.67 -2.08 -8.42
N TRP A 141 -1.90 -2.56 -8.52
CA TRP A 141 -2.50 -2.96 -9.82
C TRP A 141 -3.47 -1.92 -10.39
N GLY A 142 -3.42 -0.70 -9.87
CA GLY A 142 -4.38 0.32 -10.30
C GLY A 142 -4.13 0.78 -11.70
N ASN A 143 -4.99 1.68 -12.16
CA ASN A 143 -4.89 2.20 -13.51
C ASN A 143 -3.60 2.93 -13.88
N LEU A 144 -3.25 2.82 -15.16
CA LEU A 144 -2.05 3.43 -15.73
C LEU A 144 -2.20 4.92 -16.07
N LYS A 145 -3.42 5.42 -16.04
CA LYS A 145 -3.66 6.82 -16.36
C LYS A 145 -5.02 7.18 -15.85
N GLU A 146 -5.26 8.49 -15.76
CA GLU A 146 -6.63 9.00 -15.53
C GLU A 146 -7.63 8.62 -16.62
N THR A 147 -7.19 8.66 -17.88
CA THR A 147 -8.09 8.47 -19.07
C THR A 147 -9.41 9.28 -19.07
N GLY A 155 -4.75 1.46 -20.36
CA GLY A 155 -5.59 1.70 -19.19
C GLY A 155 -5.18 0.96 -17.91
N GLN A 156 -4.89 -0.33 -18.01
CA GLN A 156 -4.66 -1.15 -16.80
C GLN A 156 -3.48 -2.07 -17.06
N PRO A 157 -2.75 -2.47 -15.99
CA PRO A 157 -1.53 -3.27 -16.20
C PRO A 157 -1.78 -4.76 -16.17
N SER A 158 -0.93 -5.49 -16.87
CA SER A 158 -0.97 -6.95 -16.77
C SER A 158 -0.37 -7.47 -15.44
N VAL A 159 0.63 -6.77 -14.91
CA VAL A 159 1.29 -7.16 -13.67
C VAL A 159 1.47 -5.94 -12.73
N LEU A 160 1.81 -6.28 -11.49
CA LEU A 160 2.04 -5.31 -10.43
C LEU A 160 2.94 -4.22 -10.90
N GLN A 161 2.60 -2.95 -10.63
CA GLN A 161 3.44 -1.84 -11.01
C GLN A 161 4.10 -1.22 -9.78
N VAL A 162 5.19 -0.58 -10.03
CA VAL A 162 6.02 0.01 -8.98
C VAL A 162 6.46 1.38 -9.39
N VAL A 163 6.45 2.31 -8.46
CA VAL A 163 7.06 3.63 -8.69
C VAL A 163 7.67 4.21 -7.43
N ASN A 164 8.83 4.85 -7.59
CA ASN A 164 9.56 5.48 -6.50
C ASN A 164 9.32 6.99 -6.49
N LEU A 165 8.85 7.47 -5.34
CA LEU A 165 8.35 8.85 -5.20
C LEU A 165 8.91 9.56 -4.00
N PRO A 166 9.33 10.84 -4.19
CA PRO A 166 9.80 11.55 -3.06
C PRO A 166 8.73 12.15 -2.15
N ILE A 167 9.00 12.13 -0.85
CA ILE A 167 8.17 12.77 0.10
C ILE A 167 8.30 14.26 -0.11
N VAL A 168 7.18 14.98 0.01
CA VAL A 168 7.14 16.43 -0.28
C VAL A 168 6.97 17.24 1.00
N GLU A 169 7.61 18.41 1.04
CA GLU A 169 7.48 19.35 2.17
C GLU A 169 6.01 19.63 2.44
N ARG A 170 5.65 19.68 3.70
CA ARG A 170 4.28 19.88 4.12
C ARG A 170 3.62 21.15 3.59
N PRO A 171 4.32 22.30 3.64
CA PRO A 171 3.70 23.50 3.01
C PRO A 171 3.40 23.35 1.54
N VAL A 172 4.28 22.70 0.76
CA VAL A 172 4.01 22.42 -0.66
C VAL A 172 2.78 21.50 -0.81
N CYS A 173 2.70 20.43 0.00
CA CYS A 173 1.47 19.57 0.02
C CYS A 173 0.22 20.44 0.20
N LYS A 174 0.26 21.31 1.20
CA LYS A 174 -0.91 22.10 1.60
C LYS A 174 -1.28 23.06 0.46
N ASP A 175 -0.26 23.64 -0.15
CA ASP A 175 -0.54 24.61 -1.26
C ASP A 175 -0.89 23.99 -2.58
N SER A 176 -0.95 22.66 -2.65
CA SER A 176 -1.32 22.00 -3.87
C SER A 176 -2.77 21.76 -3.97
N THR A 177 -3.53 21.99 -2.90
CA THR A 177 -4.89 21.52 -2.81
C THR A 177 -5.76 22.49 -1.98
N ARG A 178 -7.07 22.43 -2.22
CA ARG A 178 -8.05 23.09 -1.41
C ARG A 178 -8.41 22.29 -0.17
N ILE A 179 -8.01 21.02 -0.09
CA ILE A 179 -8.32 20.18 1.05
C ILE A 179 -7.46 20.57 2.20
N ARG A 180 -8.07 20.54 3.39
CA ARG A 180 -7.34 20.81 4.60
C ARG A 180 -6.62 19.49 5.04
N ILE A 181 -5.30 19.52 5.01
CA ILE A 181 -4.44 18.35 5.24
C ILE A 181 -4.41 18.19 6.78
N THR A 182 -4.23 16.98 7.30
CA THR A 182 -3.96 16.78 8.73
C THR A 182 -2.57 16.21 8.95
N ASP A 183 -2.18 16.24 10.23
CA ASP A 183 -0.93 15.72 10.63
C ASP A 183 -0.83 14.17 10.44
N ASN A 184 -1.96 13.53 10.19
CA ASN A 184 -2.01 12.10 9.98
C ASN A 184 -1.83 11.70 8.53
N MET A 185 -1.45 12.63 7.66
CA MET A 185 -1.22 12.29 6.27
C MET A 185 0.04 12.98 5.86
N PHE A 186 0.64 12.45 4.82
CA PHE A 186 1.76 13.14 4.20
C PHE A 186 1.56 13.07 2.72
N CYS A 187 2.32 13.86 1.98
CA CYS A 187 2.24 13.77 0.50
C CYS A 187 3.57 13.43 -0.17
N ALA A 188 3.49 12.89 -1.39
CA ALA A 188 4.65 12.44 -2.14
C ALA A 188 4.41 12.59 -3.66
N GLY A 189 5.48 12.77 -4.43
CA GLY A 189 5.42 12.89 -5.88
C GLY A 189 6.46 13.92 -6.29
N TYR A 190 6.81 13.92 -7.56
CA TYR A 190 7.73 14.87 -8.13
C TYR A 190 6.99 16.18 -8.42
N LYS A 191 7.74 17.25 -8.28
CA LYS A 191 7.28 18.59 -8.60
C LYS A 191 7.37 18.78 -10.14
N PRO A 192 6.65 19.79 -10.67
CA PRO A 192 6.58 19.97 -12.15
C PRO A 192 7.92 20.07 -12.89
N ASP A 193 8.88 20.78 -12.31
CA ASP A 193 10.16 21.01 -13.00
C ASP A 193 11.23 19.98 -12.70
N GLU A 194 10.85 18.90 -12.00
CA GLU A 194 11.72 17.79 -11.77
C GLU A 194 11.55 16.92 -12.99
N GLY A 195 12.59 16.14 -13.31
CA GLY A 195 12.58 15.32 -14.50
C GLY A 195 11.62 14.14 -14.49
N LYS A 196 11.37 13.56 -13.31
CA LYS A 196 10.51 12.36 -13.19
C LYS A 196 9.08 12.76 -12.87
N ARG A 197 8.18 11.84 -13.18
CA ARG A 197 6.84 11.94 -12.71
C ARG A 197 6.43 10.55 -12.19
N GLY A 198 5.13 10.34 -11.97
CA GLY A 198 4.60 9.12 -11.36
C GLY A 198 3.58 9.40 -10.23
N ASP A 199 2.63 8.52 -10.06
CA ASP A 199 1.59 8.66 -9.04
C ASP A 199 0.87 7.33 -8.89
N ALA A 200 0.15 7.17 -7.77
CA ALA A 200 -0.82 6.15 -7.60
C ALA A 200 -2.03 6.66 -8.43
N CYS A 201 -2.91 5.72 -8.73
CA CYS A 201 -4.14 6.00 -9.48
C CYS A 201 -5.19 5.06 -8.96
N GLU A 202 -6.36 5.01 -9.59
CA GLU A 202 -7.51 4.25 -9.05
C GLU A 202 -7.22 2.75 -9.04
N GLY A 203 -7.58 2.07 -7.96
CA GLY A 203 -7.27 0.68 -7.73
C GLY A 203 -5.98 0.49 -6.90
N ASP A 204 -5.10 1.50 -6.85
CA ASP A 204 -3.89 1.53 -5.95
C ASP A 204 -4.11 1.88 -4.51
N SER A 205 -5.26 2.54 -4.19
CA SER A 205 -5.48 2.88 -2.82
CA SER A 205 -5.68 2.81 -2.83
C SER A 205 -5.56 1.64 -1.88
N GLY A 206 -5.09 1.89 -0.67
CA GLY A 206 -4.96 0.97 0.39
C GLY A 206 -3.63 0.20 0.38
N GLY A 207 -2.88 0.33 -0.69
CA GLY A 207 -1.58 -0.30 -0.81
C GLY A 207 -0.53 0.47 -0.02
N PRO A 208 0.70 -0.06 -0.03
CA PRO A 208 1.73 0.48 0.85
C PRO A 208 2.62 1.46 0.19
N PHE A 209 3.04 2.48 0.96
CA PHE A 209 4.18 3.35 0.59
C PHE A 209 5.30 2.85 1.53
N VAL A 210 6.31 2.25 0.93
CA VAL A 210 7.41 1.66 1.73
C VAL A 210 8.72 2.42 1.58
N MET A 211 9.54 2.32 2.63
CA MET A 211 10.91 2.81 2.53
C MET A 211 11.86 1.73 3.02
N LYS A 212 13.03 1.71 2.44
CA LYS A 212 14.10 0.79 2.90
C LYS A 212 15.09 1.52 3.84
N SER A 213 15.17 0.99 5.06
CA SER A 213 16.05 1.59 6.07
C SER A 213 17.52 1.37 5.64
N PRO A 214 18.33 2.43 5.60
CA PRO A 214 19.76 2.29 5.31
C PRO A 214 20.56 1.75 6.53
N PHE A 215 19.91 1.63 7.65
CA PHE A 215 20.53 1.14 8.88
C PHE A 215 20.48 -0.37 8.98
N ASN A 216 19.28 -0.99 8.78
CA ASN A 216 19.08 -2.43 8.99
C ASN A 216 18.61 -3.24 7.81
N ASN A 217 18.52 -2.56 6.68
CA ASN A 217 18.18 -3.11 5.42
C ASN A 217 16.80 -3.65 5.28
N ARG A 218 15.91 -3.28 6.18
CA ARG A 218 14.57 -3.78 6.18
C ARG A 218 13.60 -2.72 5.58
N TRP A 219 12.53 -3.23 5.02
CA TRP A 219 11.47 -2.43 4.40
C TRP A 219 10.41 -2.10 5.46
N TYR A 220 10.13 -0.80 5.57
CA TYR A 220 9.12 -0.30 6.47
C TYR A 220 7.94 0.32 5.78
N GLN A 221 6.76 0.03 6.26
CA GLN A 221 5.58 0.67 5.67
C GLN A 221 5.30 2.02 6.36
N MET A 222 5.62 3.08 5.69
CA MET A 222 5.54 4.42 6.26
C MET A 222 4.18 5.04 5.91
N GLY A 223 3.59 4.65 4.76
CA GLY A 223 2.26 5.17 4.42
C GLY A 223 1.30 4.14 3.84
N ILE A 224 0.02 4.55 3.75
CA ILE A 224 -1.02 3.87 3.02
C ILE A 224 -1.54 4.78 1.92
N VAL A 225 -1.60 4.31 0.70
CA VAL A 225 -2.13 5.09 -0.43
C VAL A 225 -3.55 5.52 -0.03
N SER A 226 -3.78 6.84 0.05
CA SER A 226 -5.00 7.33 0.59
C SER A 226 -5.83 8.11 -0.43
N TRP A 227 -5.35 9.23 -0.91
CA TRP A 227 -6.11 9.95 -1.95
C TRP A 227 -5.28 10.79 -2.80
N GLY A 228 -5.88 11.27 -3.88
CA GLY A 228 -5.21 12.15 -4.80
C GLY A 228 -6.32 12.69 -5.67
N GLU A 229 -6.06 13.87 -6.23
CA GLU A 229 -7.03 14.60 -7.04
C GLU A 229 -6.59 14.41 -8.49
N GLY A 230 -7.08 13.09 -9.33
CA GLY A 230 -6.43 12.84 -10.61
C GLY A 230 -5.26 11.93 -10.33
N CYS A 231 -4.41 11.77 -11.34
CA CYS A 231 -3.34 10.81 -11.32
C CYS A 231 -2.25 11.45 -12.13
N ASP A 232 -1.18 11.78 -11.43
CA ASP A 232 0.03 12.28 -12.05
C ASP A 232 -0.19 13.64 -12.77
N ARG A 233 -1.10 14.43 -12.23
CA ARG A 233 -1.27 15.80 -12.69
C ARG A 233 -0.15 16.68 -12.18
N ASP A 234 0.36 17.57 -13.03
CA ASP A 234 1.37 18.51 -12.56
C ASP A 234 0.82 19.39 -11.43
N GLY A 235 1.66 19.64 -10.45
CA GLY A 235 1.32 20.45 -9.30
C GLY A 235 0.41 19.77 -8.30
N LYS A 236 0.09 18.50 -8.53
CA LYS A 236 -0.74 17.74 -7.58
C LYS A 236 0.15 16.64 -7.05
N TYR A 237 -0.21 16.09 -5.91
CA TYR A 237 0.63 15.05 -5.20
C TYR A 237 -0.28 14.00 -4.59
N GLY A 238 0.22 12.80 -4.34
CA GLY A 238 -0.62 11.81 -3.72
C GLY A 238 -0.50 11.98 -2.22
N PHE A 239 -1.56 11.63 -1.49
CA PHE A 239 -1.57 11.71 -0.02
C PHE A 239 -1.67 10.32 0.54
N TYR A 240 -0.97 10.15 1.64
CA TYR A 240 -0.73 8.85 2.23
C TYR A 240 -1.01 8.97 3.70
N THR A 241 -1.70 7.98 4.24
CA THR A 241 -1.87 7.87 5.68
C THR A 241 -0.52 7.68 6.41
N HIS A 242 -0.30 8.47 7.45
CA HIS A 242 0.93 8.47 8.24
C HIS A 242 0.88 7.29 9.25
N VAL A 243 1.50 6.16 8.87
CA VAL A 243 1.28 4.90 9.57
C VAL A 243 1.82 5.00 11.01
N PHE A 244 2.99 5.61 11.17
CA PHE A 244 3.60 5.72 12.51
C PHE A 244 2.67 6.49 13.43
N ARG A 245 2.08 7.57 12.92
CA ARG A 245 1.16 8.36 13.78
C ARG A 245 -0.01 7.54 14.37
N LEU A 246 -0.42 6.50 13.66
CA LEU A 246 -1.55 5.67 14.03
C LEU A 246 -1.14 4.30 14.62
N LYS A 247 0.14 4.13 14.90
CA LYS A 247 0.74 2.83 15.31
C LYS A 247 0.13 2.35 16.62
N LYS A 248 -0.01 3.27 17.57
CA LYS A 248 -0.67 2.98 18.85
C LYS A 248 -2.06 2.41 18.65
N TRP A 249 -2.81 2.91 17.68
CA TRP A 249 -4.08 2.28 17.35
C TRP A 249 -3.86 0.86 16.76
N ILE A 250 -2.88 0.72 15.88
CA ILE A 250 -2.57 -0.58 15.32
C ILE A 250 -2.25 -1.60 16.41
N GLN A 251 -1.34 -1.22 17.31
CA GLN A 251 -0.87 -2.13 18.38
C GLN A 251 -1.99 -2.48 19.36
N LYS A 252 -2.87 -1.50 19.58
CA LYS A 252 -4.09 -1.65 20.39
C LYS A 252 -4.94 -2.80 19.89
N VAL A 253 -5.32 -2.72 18.62
CA VAL A 253 -6.18 -3.69 17.98
C VAL A 253 -5.50 -5.05 18.04
N ILE A 254 -4.24 -5.10 17.68
CA ILE A 254 -3.54 -6.39 17.58
C ILE A 254 -3.31 -7.04 18.95
N ASP A 255 -2.96 -6.26 19.98
CA ASP A 255 -2.83 -6.83 21.33
C ASP A 255 -4.20 -6.87 22.05
N GLN A 256 -5.17 -7.52 21.41
CA GLN A 256 -6.62 -7.36 21.70
C GLN A 256 -7.54 -8.19 20.79
N PHE A 257 -7.16 -8.44 19.51
CA PHE A 257 -7.82 -9.52 18.70
C PHE A 257 -6.80 -10.50 18.09
N ALA B 7 9.79 -9.84 13.03
CA ALA B 7 11.03 -10.65 13.42
C ALA B 7 12.01 -10.64 12.24
N ASP B 8 11.66 -11.34 11.17
CA ASP B 8 12.34 -11.15 9.92
C ASP B 8 11.47 -10.26 8.99
N CYS B 9 10.60 -9.41 9.57
CA CYS B 9 9.79 -8.45 8.80
C CYS B 9 10.68 -7.68 7.88
N GLY B 10 10.14 -7.38 6.69
CA GLY B 10 10.77 -6.50 5.75
C GLY B 10 12.03 -6.95 5.08
N LEU B 11 12.33 -8.24 5.22
CA LEU B 11 13.50 -8.81 4.55
C LEU B 11 12.94 -9.78 3.54
N ARG B 12 13.11 -9.47 2.28
CA ARG B 12 12.44 -10.25 1.23
C ARG B 12 13.21 -11.51 0.93
N PRO B 13 12.50 -12.64 0.87
CA PRO B 13 13.09 -13.94 0.48
C PRO B 13 13.92 -13.90 -0.78
N LEU B 14 13.46 -13.22 -1.81
CA LEU B 14 14.14 -13.19 -3.06
C LEU B 14 15.16 -12.09 -3.27
N PHE B 15 15.33 -11.19 -2.29
CA PHE B 15 16.24 -10.08 -2.40
C PHE B 15 17.14 -10.03 -1.13
N GLU B 16 16.68 -9.37 -0.06
CA GLU B 16 17.53 -9.21 1.16
C GLU B 16 18.00 -10.54 1.72
N LYS B 17 17.15 -11.57 1.75
CA LYS B 17 17.54 -12.87 2.27
C LYS B 17 18.55 -13.60 1.42
N LYS B 18 18.77 -13.14 0.19
CA LYS B 18 19.77 -13.70 -0.72
C LYS B 18 20.85 -12.71 -1.03
N SER B 19 20.87 -11.61 -0.28
CA SER B 19 21.70 -10.46 -0.66
C SER B 19 21.65 -10.06 -2.11
N LEU B 20 20.45 -10.00 -2.71
CA LEU B 20 20.30 -9.51 -4.07
C LEU B 20 19.55 -8.19 -4.00
N GLU B 21 19.91 -7.25 -4.87
CA GLU B 21 19.25 -5.97 -4.95
C GLU B 21 18.24 -6.00 -6.01
N ASP B 22 17.08 -5.34 -5.79
CA ASP B 22 16.19 -5.08 -6.92
C ASP B 22 16.69 -3.93 -7.81
N LYS B 23 16.06 -3.77 -8.97
CA LYS B 23 16.57 -2.84 -9.99
C LYS B 23 16.52 -1.35 -9.70
N THR B 24 15.70 -0.90 -8.75
CA THR B 24 15.57 0.53 -8.43
C THR B 24 15.70 0.86 -6.94
N GLU B 25 16.02 -0.11 -6.07
CA GLU B 25 16.15 0.22 -4.67
C GLU B 25 17.26 1.25 -4.38
N ARG B 26 18.34 1.19 -5.17
CA ARG B 26 19.40 2.23 -5.12
C ARG B 26 18.88 3.66 -5.19
N GLU B 27 17.83 3.90 -5.99
CA GLU B 27 17.25 5.21 -6.13
C GLU B 27 16.70 5.73 -4.80
N LEU B 28 16.05 4.85 -4.03
CA LEU B 28 15.67 5.21 -2.64
C LEU B 28 16.82 5.51 -1.72
N LEU B 29 17.77 4.59 -1.65
CA LEU B 29 18.92 4.75 -0.73
C LEU B 29 19.73 5.99 -1.08
N GLU B 30 19.79 6.33 -2.36
CA GLU B 30 20.47 7.55 -2.80
C GLU B 30 19.78 8.85 -2.40
N SER B 31 18.45 8.82 -2.23
CA SER B 31 17.67 10.02 -1.88
C SER B 31 17.90 10.42 -0.45
N TYR B 32 18.41 9.47 0.35
CA TYR B 32 18.83 9.78 1.69
C TYR B 32 20.09 10.63 1.72
N PHE C 4 -10.72 -10.46 -15.67
CA PHE C 4 -10.23 -11.22 -14.46
C PHE C 4 -10.50 -12.72 -14.58
N GLU C 5 -9.47 -13.55 -14.31
CA GLU C 5 -9.61 -15.00 -14.38
C GLU C 5 -10.33 -15.48 -13.15
N GLU C 6 -11.18 -16.46 -13.36
CA GLU C 6 -12.14 -16.92 -12.38
C GLU C 6 -11.29 -17.62 -11.37
N ILE C 7 -11.58 -17.41 -10.08
CA ILE C 7 -10.81 -18.06 -9.02
C ILE C 7 -11.42 -19.41 -8.64
N PRO C 8 -10.69 -20.25 -7.87
CA PRO C 8 -11.30 -21.47 -7.36
C PRO C 8 -12.55 -21.21 -6.50
N GLU C 9 -13.68 -21.75 -6.94
CA GLU C 9 -14.94 -21.70 -6.17
C GLU C 9 -14.81 -21.97 -4.67
N GLU C 10 -13.86 -22.79 -4.26
CA GLU C 10 -13.66 -23.14 -2.85
C GLU C 10 -13.56 -21.94 -1.88
N TYS C 11 -13.08 -20.79 -2.37
CA TYS C 11 -12.92 -19.62 -1.51
CB TYS C 11 -11.78 -18.76 -2.07
CG TYS C 11 -10.49 -19.55 -2.14
CD1 TYS C 11 -9.90 -19.82 -0.92
CD2 TYS C 11 -9.90 -19.98 -3.36
CE1 TYS C 11 -8.72 -20.53 -0.86
CE2 TYS C 11 -8.70 -20.71 -3.29
CZ TYS C 11 -8.13 -20.98 -2.02
OH TYS C 11 -6.96 -21.66 -1.85
S TYS C 11 -5.58 -21.00 -2.15
O1 TYS C 11 -5.42 -20.35 -3.45
O2 TYS C 11 -5.36 -20.01 -1.15
O3 TYS C 11 -4.55 -22.27 -1.97
C TYS C 11 -14.20 -18.82 -1.40
O TYS C 11 -14.81 -18.43 -2.41
S DMS D . 10.60 3.57 -10.89
O DMS D . 10.42 4.83 -10.14
C1 DMS D . 9.66 3.66 -12.29
C2 DMS D . 12.18 3.52 -11.46
S DMS E . -4.18 19.16 12.15
O DMS E . -3.88 17.72 11.94
C1 DMS E . -3.77 19.31 13.81
C2 DMS E . -2.87 20.08 11.57
S DMS F . -2.47 10.77 17.30
O DMS F . -2.85 12.18 17.49
C1 DMS F . -3.40 10.00 16.07
C2 DMS F . -0.97 10.81 16.51
S DMS G . 6.46 15.06 6.28
O DMS G . 5.02 15.31 6.01
C1 DMS G . 6.55 14.71 7.95
C2 DMS G . 6.79 13.59 5.70
S DMS H . 19.14 8.89 6.89
O DMS H . 20.56 8.77 7.25
C1 DMS H . 18.33 9.82 8.07
C2 DMS H . 19.23 9.89 5.54
S DMS I . -10.61 8.76 -2.68
O DMS I . -9.53 8.67 -3.68
C1 DMS I . -12.05 8.13 -3.35
C2 DMS I . -10.27 7.58 -1.54
CL1 2OJ J . -1.91 8.55 -3.10
C2 2OJ J . -3.07 8.54 -4.47
S3 2OJ J . -4.51 7.77 -4.43
C4 2OJ J . -2.94 9.17 -5.66
C5 2OJ J . -4.00 8.97 -6.47
C6 2OJ J . -4.94 8.18 -5.92
C7 2OJ J . -6.08 7.87 -6.45
O8 2OJ J . -6.78 7.01 -6.07
N9 2OJ J . -7.88 6.99 -6.75
C10 2OJ J . -6.67 8.58 -7.40
C11 2OJ J . -7.82 7.99 -7.61
C12 2OJ J . -8.89 8.43 -8.66
O13 2OJ J . -9.75 9.48 -8.11
C14 2OJ J . -10.07 10.62 -8.84
C15 2OJ J . -10.19 10.67 -10.21
C16 2OJ J . -10.52 11.87 -10.86
C17 2OJ J . -10.76 13.03 -10.14
C19 2OJ J . -10.31 11.81 -8.15
N20 2OJ J . -10.21 11.84 -6.85
C21 2OJ J . -11.28 12.14 -6.16
C22 2OJ J . -11.00 12.29 -4.65
C23 2OJ J . -12.18 11.93 -3.90
C24 2OJ J . -11.80 11.96 -2.49
N25 2OJ J . -11.47 13.31 -2.02
C26 2OJ J . -10.98 13.15 -0.66
C27 2OJ J . -12.11 13.40 0.32
C28 2OJ J . -9.89 14.09 -0.28
C29 2OJ J . -10.43 13.91 -2.86
C30 2OJ J . -10.68 13.70 -4.34
O31 2OJ J . -12.40 12.26 -6.63
C18 2OJ J . -10.63 13.02 -8.76
O32 2OJ J . -10.88 14.11 -7.95
C33 2OJ J . -10.35 15.40 -8.14
C34 2OJ J . -11.37 16.50 -7.77
C35 2OJ J . -12.33 16.07 -6.65
O36 2OJ J . -13.46 16.95 -6.57
C37 2OJ J . -13.61 17.87 -5.42
O38 2OJ J . -13.54 17.39 -4.01
C46 2OJ J . -14.90 18.64 -5.64
O47 2OJ J . -14.95 19.17 -7.01
C85 2OJ J . -15.86 18.43 -7.73
O86 2OJ J . -15.54 17.46 -8.42
C87 2OJ J . -17.33 18.90 -7.63
C44 2OJ J . -14.97 19.80 -4.67
O45 2OJ J . -16.18 20.52 -5.00
C88 2OJ J . -15.87 21.80 -4.72
C89 2OJ J . -15.20 22.54 -5.88
O90 2OJ J . -16.02 22.29 -3.62
C42 2OJ J . -15.05 19.28 -3.25
O42 2OJ J . -15.16 20.36 -2.21
C91 2OJ J . -15.97 20.00 -1.16
C92 2OJ J . -17.22 19.25 -1.55
O93 2OJ J . -15.72 20.25 0.03
C39 2OJ J . -13.82 18.45 -2.97
C40 2OJ J . -14.05 17.92 -1.53
O41 2OJ J . -12.92 18.24 -0.74
C94 2OJ J . -13.32 18.40 0.59
O96 2OJ J . -14.41 18.08 1.08
C95 2OJ J . -12.26 19.01 1.49
#